data_5MKX
#
_entry.id   5MKX
#
_cell.length_a   99.264
_cell.length_b   99.264
_cell.length_c   100.378
_cell.angle_alpha   90.00
_cell.angle_beta   90.00
_cell.angle_gamma   120.00
#
_symmetry.space_group_name_H-M   'H 3'
#
loop_
_entity.id
_entity.type
_entity.pdbx_description
1 polymer 'Histone acetyltransferase KAT2B'
2 non-polymer 4-chloranyl-2-methyl-5-(methylamino)pyridazin-3-one
3 non-polymer 'SULFATE ION'
4 non-polymer '4-(2-HYDROXYETHYL)-1-PIPERAZINE ETHANESULFONIC ACID'
5 non-polymer 1,4-BUTANEDIOL
6 water water
#
_entity_poly.entity_id   1
_entity_poly.type   'polypeptide(L)'
_entity_poly.pdbx_seq_one_letter_code
;SMGKEKSKEPRDPDQLYSTLKSILQQVKSHQSAWPFMEPVKRTEAPGYYEVIRFPMDLKTMSERLKNRYYVSKKLFMADL
QRVFTNCKEYNPPESEYYKCANILEKFFFSKIKEAGLID
;
_entity_poly.pdbx_strand_id   A,B
#
# COMPACT_ATOMS: atom_id res chain seq x y z
N ASP A 14 6.28 -25.09 12.31
CA ASP A 14 6.29 -24.46 10.95
C ASP A 14 7.12 -23.18 10.95
N GLN A 15 8.01 -23.03 9.97
CA GLN A 15 8.95 -21.92 9.93
C GLN A 15 8.32 -20.61 9.44
N LEU A 16 7.34 -20.69 8.56
CA LEU A 16 6.61 -19.50 8.10
C LEU A 16 5.93 -18.81 9.28
N TYR A 17 5.19 -19.59 10.06
CA TYR A 17 4.52 -19.09 11.26
C TYR A 17 5.49 -18.37 12.19
N SER A 18 6.65 -18.98 12.43
CA SER A 18 7.64 -18.41 13.34
C SER A 18 8.19 -17.09 12.79
N THR A 19 8.41 -17.03 11.48
CA THR A 19 8.92 -15.82 10.84
C THR A 19 7.87 -14.71 10.86
N LEU A 20 6.64 -15.04 10.51
CA LEU A 20 5.55 -14.05 10.52
C LEU A 20 5.25 -13.54 11.93
N LYS A 21 5.32 -14.44 12.92
CA LYS A 21 5.12 -14.05 14.32
C LYS A 21 6.17 -13.05 14.76
N SER A 22 7.42 -13.31 14.39
CA SER A 22 8.52 -12.41 14.67
C SER A 22 8.29 -11.03 14.03
N ILE A 23 7.97 -11.01 12.75
CA ILE A 23 7.78 -9.76 12.02
C ILE A 23 6.62 -8.98 12.63
N LEU A 24 5.50 -9.66 12.84
CA LEU A 24 4.31 -8.99 13.40
C LEU A 24 4.58 -8.38 14.79
N GLN A 25 5.30 -9.09 15.67
CA GLN A 25 5.58 -8.57 17.00
CA GLN A 25 5.58 -8.57 17.00
C GLN A 25 6.56 -7.40 16.95
N GLN A 26 7.52 -7.46 16.02
CA GLN A 26 8.42 -6.33 15.82
C GLN A 26 7.67 -5.09 15.37
N VAL A 27 6.73 -5.28 14.44
CA VAL A 27 5.85 -4.19 14.00
C VAL A 27 5.03 -3.63 15.18
N LYS A 28 4.41 -4.52 15.94
CA LYS A 28 3.57 -4.11 17.07
C LYS A 28 4.33 -3.36 18.16
N SER A 29 5.62 -3.70 18.35
CA SER A 29 6.44 -3.04 19.35
C SER A 29 7.00 -1.69 18.89
N HIS A 30 6.85 -1.37 17.60
CA HIS A 30 7.36 -0.13 17.05
C HIS A 30 6.63 1.09 17.64
N GLN A 31 7.35 2.20 17.85
CA GLN A 31 6.77 3.42 18.42
C GLN A 31 5.62 4.02 17.58
N SER A 32 5.64 3.79 16.28
CA SER A 32 4.60 4.30 15.36
C SER A 32 3.42 3.35 15.13
N ALA A 33 3.39 2.23 15.84
CA ALA A 33 2.34 1.24 15.67
C ALA A 33 1.08 1.56 16.46
N TRP A 34 1.18 2.48 17.42
CA TRP A 34 0.08 2.70 18.36
C TRP A 34 -1.28 2.98 17.69
N PRO A 35 -1.33 3.71 16.56
CA PRO A 35 -2.69 3.90 16.03
C PRO A 35 -3.36 2.63 15.51
N PHE A 36 -2.57 1.60 15.23
CA PHE A 36 -3.02 0.41 14.52
C PHE A 36 -3.15 -0.83 15.39
N MET A 37 -3.03 -0.66 16.71
CA MET A 37 -2.99 -1.79 17.63
C MET A 37 -4.32 -2.53 17.80
N GLU A 38 -5.43 -1.80 17.67
CA GLU A 38 -6.77 -2.37 17.86
CA GLU A 38 -6.76 -2.38 17.84
C GLU A 38 -7.67 -1.81 16.75
N PRO A 39 -8.82 -2.44 16.52
CA PRO A 39 -9.72 -1.83 15.54
C PRO A 39 -10.01 -0.36 15.91
N VAL A 40 -10.10 0.49 14.90
CA VAL A 40 -10.46 1.89 15.09
C VAL A 40 -11.80 1.92 15.84
N LYS A 41 -11.88 2.70 16.91
CA LYS A 41 -13.12 2.79 17.66
C LYS A 41 -14.06 3.78 16.99
N ARG A 42 -15.36 3.49 17.01
CA ARG A 42 -16.34 4.44 16.47
C ARG A 42 -16.21 5.78 17.17
N THR A 43 -15.94 5.80 18.48
CA THR A 43 -15.79 7.04 19.21
C THR A 43 -14.55 7.83 18.76
N GLU A 44 -13.54 7.14 18.24
CA GLU A 44 -12.33 7.78 17.70
C GLU A 44 -12.55 8.34 16.30
N ALA A 45 -13.50 7.75 15.57
CA ALA A 45 -13.78 8.14 14.21
C ALA A 45 -15.22 7.79 13.86
N PRO A 46 -16.18 8.60 14.34
CA PRO A 46 -17.59 8.28 14.06
C PRO A 46 -17.84 8.16 12.56
N GLY A 47 -18.46 7.06 12.13
CA GLY A 47 -18.72 6.84 10.70
C GLY A 47 -17.58 6.23 9.88
N TYR A 48 -16.49 5.86 10.56
CA TYR A 48 -15.37 5.17 9.91
C TYR A 48 -15.83 3.92 9.15
N TYR A 49 -16.74 3.16 9.74
CA TYR A 49 -17.15 1.87 9.23
C TYR A 49 -18.20 1.98 8.11
N GLU A 50 -18.66 3.20 7.85
CA GLU A 50 -19.49 3.49 6.67
C GLU A 50 -18.58 3.77 5.46
N VAL A 51 -17.32 4.15 5.73
CA VAL A 51 -16.35 4.54 4.71
C VAL A 51 -15.36 3.42 4.35
N ILE A 52 -14.82 2.76 5.37
CA ILE A 52 -13.77 1.77 5.19
C ILE A 52 -14.37 0.36 5.12
N ARG A 53 -14.33 -0.23 3.92
N ARG A 53 -14.34 -0.22 3.91
CA ARG A 53 -15.02 -1.50 3.65
CA ARG A 53 -14.99 -1.51 3.62
C ARG A 53 -14.33 -2.71 4.29
C ARG A 53 -14.33 -2.69 4.31
N PHE A 54 -13.00 -2.67 4.37
CA PHE A 54 -12.21 -3.79 4.88
C PHE A 54 -11.30 -3.33 6.02
N PRO A 55 -11.88 -3.12 7.22
CA PRO A 55 -11.05 -2.73 8.35
C PRO A 55 -10.04 -3.80 8.74
N MET A 56 -8.88 -3.36 9.19
CA MET A 56 -7.83 -4.26 9.64
C MET A 56 -6.95 -3.53 10.64
N ASP A 57 -6.36 -4.30 11.54
CA ASP A 57 -5.56 -3.78 12.61
C ASP A 57 -4.65 -4.89 13.09
N LEU A 58 -3.71 -4.55 13.97
CA LEU A 58 -2.68 -5.50 14.39
C LEU A 58 -3.17 -6.55 15.39
N LYS A 59 -4.21 -6.22 16.16
N LYS A 59 -4.21 -6.22 16.18
CA LYS A 59 -4.82 -7.22 17.06
CA LYS A 59 -4.82 -7.22 17.06
C LYS A 59 -5.53 -8.29 16.24
C LYS A 59 -5.52 -8.30 16.23
N THR A 60 -6.31 -7.87 15.25
CA THR A 60 -6.94 -8.80 14.30
C THR A 60 -5.87 -9.67 13.61
N MET A 61 -4.77 -9.06 13.18
CA MET A 61 -3.70 -9.85 12.55
C MET A 61 -3.08 -10.86 13.50
N SER A 62 -2.90 -10.46 14.77
CA SER A 62 -2.37 -11.37 15.78
C SER A 62 -3.26 -12.60 15.95
N GLU A 63 -4.57 -12.39 16.00
CA GLU A 63 -5.51 -13.50 16.12
C GLU A 63 -5.52 -14.36 14.86
N ARG A 64 -5.46 -13.71 13.70
CA ARG A 64 -5.41 -14.44 12.43
C ARG A 64 -4.16 -15.31 12.35
N LEU A 65 -3.04 -14.79 12.84
CA LEU A 65 -1.79 -15.54 12.91
C LEU A 65 -1.97 -16.77 13.80
N LYS A 66 -2.48 -16.55 15.01
CA LYS A 66 -2.78 -17.63 15.96
C LYS A 66 -3.69 -18.71 15.37
N ASN A 67 -4.67 -18.30 14.57
CA ASN A 67 -5.62 -19.23 13.95
C ASN A 67 -5.10 -19.87 12.65
N ARG A 68 -3.81 -19.70 12.37
CA ARG A 68 -3.16 -20.29 11.20
C ARG A 68 -3.73 -19.84 9.85
N TYR A 69 -4.18 -18.59 9.79
CA TYR A 69 -4.67 -18.02 8.54
C TYR A 69 -3.54 -17.73 7.55
N TYR A 70 -2.38 -17.30 8.05
CA TYR A 70 -1.31 -16.81 7.18
C TYR A 70 -0.46 -17.94 6.65
N VAL A 71 -1.01 -18.68 5.70
CA VAL A 71 -0.32 -19.81 5.06
C VAL A 71 0.60 -19.37 3.93
N SER A 72 0.61 -18.07 3.62
CA SER A 72 1.49 -17.52 2.59
C SER A 72 1.95 -16.12 2.97
N LYS A 73 3.07 -15.69 2.37
CA LYS A 73 3.50 -14.30 2.49
C LYS A 73 2.43 -13.36 1.96
N LYS A 74 1.83 -13.74 0.83
CA LYS A 74 0.86 -12.87 0.16
C LYS A 74 -0.31 -12.49 1.07
N LEU A 75 -0.83 -13.46 1.82
CA LEU A 75 -1.96 -13.20 2.73
C LEU A 75 -1.56 -12.25 3.86
N PHE A 76 -0.35 -12.43 4.39
CA PHE A 76 0.17 -11.61 5.49
C PHE A 76 0.39 -10.18 5.03
N MET A 77 1.06 -10.05 3.88
CA MET A 77 1.29 -8.75 3.26
C MET A 77 0.00 -8.00 3.01
N ALA A 78 -1.03 -8.72 2.52
CA ALA A 78 -2.30 -8.11 2.16
C ALA A 78 -2.94 -7.45 3.38
N ASP A 79 -2.91 -8.13 4.51
CA ASP A 79 -3.56 -7.60 5.71
C ASP A 79 -2.80 -6.41 6.28
N LEU A 80 -1.49 -6.51 6.38
CA LEU A 80 -0.70 -5.40 6.91
C LEU A 80 -0.79 -4.20 5.98
N GLN A 81 -0.68 -4.44 4.68
N GLN A 81 -0.68 -4.43 4.67
CA GLN A 81 -0.80 -3.36 3.72
CA GLN A 81 -0.80 -3.36 3.69
C GLN A 81 -2.19 -2.70 3.80
C GLN A 81 -2.20 -2.71 3.76
N ARG A 82 -3.24 -3.50 4.06
CA ARG A 82 -4.60 -2.97 4.24
C ARG A 82 -4.69 -2.00 5.44
N VAL A 83 -3.96 -2.28 6.51
CA VAL A 83 -3.88 -1.35 7.63
C VAL A 83 -3.45 0.03 7.11
N PHE A 84 -2.40 0.04 6.29
CA PHE A 84 -1.85 1.30 5.80
C PHE A 84 -2.78 1.97 4.80
N THR A 85 -3.35 1.21 3.87
CA THR A 85 -4.21 1.81 2.85
C THR A 85 -5.51 2.35 3.47
N ASN A 86 -6.05 1.64 4.45
CA ASN A 86 -7.21 2.18 5.17
C ASN A 86 -6.88 3.55 5.77
N CYS A 87 -5.71 3.64 6.41
CA CYS A 87 -5.31 4.85 7.09
C CYS A 87 -5.15 6.01 6.09
N LYS A 88 -4.51 5.73 4.96
CA LYS A 88 -4.28 6.76 3.96
C LYS A 88 -5.56 7.16 3.19
N GLU A 89 -6.47 6.21 3.01
CA GLU A 89 -7.78 6.48 2.40
C GLU A 89 -8.63 7.39 3.31
N TYR A 90 -8.51 7.20 4.62
CA TYR A 90 -9.39 7.91 5.54
C TYR A 90 -8.85 9.27 5.99
N ASN A 91 -7.54 9.34 6.23
CA ASN A 91 -6.93 10.48 6.89
C ASN A 91 -6.18 11.41 5.96
N PRO A 92 -6.08 12.71 6.33
CA PRO A 92 -5.27 13.66 5.58
C PRO A 92 -3.77 13.33 5.62
N PRO A 93 -3.02 13.69 4.56
CA PRO A 93 -1.62 13.31 4.40
C PRO A 93 -0.68 13.81 5.49
N GLU A 94 -0.99 14.93 6.13
CA GLU A 94 -0.11 15.48 7.15
C GLU A 94 -0.63 15.19 8.56
N SER A 95 -1.64 14.32 8.67
CA SER A 95 -2.13 13.88 9.98
C SER A 95 -1.13 12.95 10.62
N GLU A 96 -1.12 12.90 11.95
CA GLU A 96 -0.24 12.01 12.66
C GLU A 96 -0.49 10.55 12.26
N TYR A 97 -1.73 10.18 12.01
CA TYR A 97 -2.03 8.80 11.65
C TYR A 97 -1.37 8.43 10.33
N TYR A 98 -1.51 9.31 9.34
CA TYR A 98 -0.90 9.07 8.03
C TYR A 98 0.62 8.99 8.19
N LYS A 99 1.20 9.92 8.94
CA LYS A 99 2.63 9.93 9.20
C LYS A 99 3.09 8.63 9.86
N CYS A 100 2.35 8.14 10.86
CA CYS A 100 2.68 6.87 11.48
C CYS A 100 2.63 5.69 10.50
N ALA A 101 1.63 5.68 9.61
CA ALA A 101 1.48 4.61 8.63
C ALA A 101 2.74 4.55 7.74
N ASN A 102 3.22 5.69 7.28
CA ASN A 102 4.40 5.68 6.39
C ASN A 102 5.68 5.29 7.11
N ILE A 103 5.86 5.73 8.35
CA ILE A 103 6.99 5.30 9.16
C ILE A 103 6.94 3.78 9.41
N LEU A 104 5.78 3.29 9.81
CA LEU A 104 5.64 1.88 10.11
C LEU A 104 5.77 1.02 8.88
N GLU A 105 5.30 1.52 7.74
CA GLU A 105 5.40 0.80 6.47
C GLU A 105 6.86 0.61 6.07
N LYS A 106 7.66 1.66 6.23
CA LYS A 106 9.12 1.56 5.98
C LYS A 106 9.70 0.44 6.83
N PHE A 107 9.38 0.48 8.12
CA PHE A 107 9.87 -0.52 9.06
C PHE A 107 9.45 -1.93 8.66
N PHE A 108 8.17 -2.09 8.36
CA PHE A 108 7.57 -3.34 7.93
C PHE A 108 8.36 -3.96 6.78
N PHE A 109 8.58 -3.17 5.73
CA PHE A 109 9.29 -3.67 4.56
C PHE A 109 10.74 -4.05 4.90
N SER A 110 11.37 -3.33 5.83
CA SER A 110 12.73 -3.69 6.23
CA SER A 110 12.73 -3.68 6.26
C SER A 110 12.73 -5.03 6.96
N LYS A 111 11.69 -5.28 7.75
CA LYS A 111 11.56 -6.57 8.46
C LYS A 111 11.28 -7.73 7.51
N ILE A 112 10.48 -7.50 6.47
CA ILE A 112 10.22 -8.50 5.44
C ILE A 112 11.53 -8.88 4.74
N LYS A 113 12.32 -7.87 4.41
CA LYS A 113 13.61 -8.05 3.73
C LYS A 113 14.63 -8.77 4.61
N GLU A 114 14.77 -8.33 5.86
CA GLU A 114 15.67 -8.97 6.83
C GLU A 114 15.36 -10.45 7.06
N ALA A 115 14.08 -10.80 7.08
CA ALA A 115 13.65 -12.18 7.29
C ALA A 115 13.87 -13.05 6.05
N GLY A 116 14.04 -12.42 4.88
CA GLY A 116 14.18 -13.14 3.63
C GLY A 116 12.87 -13.78 3.22
N LEU A 117 11.76 -13.16 3.59
CA LEU A 117 10.44 -13.73 3.35
C LEU A 117 10.04 -13.55 1.89
N ILE A 118 9.76 -14.67 1.22
CA ILE A 118 9.36 -14.67 -0.17
C ILE A 118 8.24 -15.69 -0.38
N ASP A 119 7.60 -15.65 -1.55
CA ASP A 119 6.50 -16.56 -1.88
C ASP A 119 6.98 -17.99 -2.12
N PRO B 13 -21.27 8.29 -19.69
CA PRO B 13 -20.90 8.73 -21.03
C PRO B 13 -19.42 9.12 -21.08
N ASP B 14 -18.55 8.12 -20.94
CA ASP B 14 -17.11 8.34 -20.78
C ASP B 14 -16.73 9.13 -19.53
N GLN B 15 -17.60 9.11 -18.52
CA GLN B 15 -17.37 9.86 -17.28
C GLN B 15 -16.17 9.30 -16.52
N LEU B 16 -16.22 8.00 -16.23
CA LEU B 16 -15.11 7.35 -15.52
C LEU B 16 -13.81 7.49 -16.29
N TYR B 17 -13.84 7.14 -17.57
CA TYR B 17 -12.66 7.23 -18.42
C TYR B 17 -12.03 8.63 -18.38
N SER B 18 -12.86 9.66 -18.52
CA SER B 18 -12.37 11.04 -18.47
C SER B 18 -11.73 11.39 -17.13
N THR B 19 -12.37 10.98 -16.03
CA THR B 19 -11.82 11.21 -14.70
C THR B 19 -10.49 10.48 -14.50
N LEU B 20 -10.45 9.22 -14.90
CA LEU B 20 -9.22 8.42 -14.77
C LEU B 20 -8.10 8.95 -15.65
N LYS B 21 -8.43 9.37 -16.88
CA LYS B 21 -7.45 9.93 -17.81
C LYS B 21 -6.83 11.19 -17.23
N SER B 22 -7.66 12.05 -16.65
CA SER B 22 -7.18 13.26 -16.00
C SER B 22 -6.27 12.95 -14.82
N ILE B 23 -6.67 12.02 -13.96
CA ILE B 23 -5.86 11.64 -12.80
C ILE B 23 -4.52 11.08 -13.26
N LEU B 24 -4.57 10.13 -14.19
CA LEU B 24 -3.35 9.54 -14.71
C LEU B 24 -2.42 10.58 -15.37
N GLN B 25 -2.97 11.52 -16.12
CA GLN B 25 -2.13 12.57 -16.71
C GLN B 25 -1.44 13.43 -15.65
N GLN B 26 -2.21 13.85 -14.64
CA GLN B 26 -1.64 14.65 -13.55
C GLN B 26 -0.55 13.88 -12.80
N VAL B 27 -0.76 12.59 -12.59
CA VAL B 27 0.24 11.75 -11.94
C VAL B 27 1.50 11.68 -12.81
N LYS B 28 1.33 11.48 -14.11
CA LYS B 28 2.48 11.33 -15.03
C LYS B 28 3.27 12.61 -15.20
N SER B 29 2.58 13.75 -15.07
CA SER B 29 3.20 15.07 -15.19
C SER B 29 3.88 15.54 -13.91
N HIS B 30 3.63 14.82 -12.81
CA HIS B 30 4.20 15.17 -11.50
C HIS B 30 5.72 15.01 -11.53
N GLN B 31 6.39 15.92 -10.84
CA GLN B 31 7.85 15.94 -10.75
C GLN B 31 8.50 14.70 -10.08
N SER B 32 7.72 13.90 -9.35
CA SER B 32 8.19 12.68 -8.68
C SER B 32 7.76 11.40 -9.42
N ALA B 33 7.18 11.56 -10.60
CA ALA B 33 6.68 10.42 -11.42
C ALA B 33 7.76 9.69 -12.20
N TRP B 34 8.88 10.36 -12.44
CA TRP B 34 9.93 9.84 -13.32
C TRP B 34 10.38 8.39 -13.07
N PRO B 35 10.46 7.92 -11.80
CA PRO B 35 10.88 6.53 -11.64
C PRO B 35 9.91 5.48 -12.18
N PHE B 36 8.65 5.87 -12.34
CA PHE B 36 7.56 4.94 -12.59
C PHE B 36 7.04 5.03 -14.04
N MET B 37 7.79 5.71 -14.89
CA MET B 37 7.30 5.99 -16.24
C MET B 37 7.39 4.80 -17.20
N GLU B 38 8.21 3.81 -16.87
CA GLU B 38 8.33 2.60 -17.66
C GLU B 38 8.51 1.38 -16.73
N PRO B 39 8.28 0.16 -17.26
CA PRO B 39 8.55 -1.01 -16.41
C PRO B 39 9.97 -1.05 -15.83
N VAL B 40 10.08 -1.54 -14.60
CA VAL B 40 11.38 -1.76 -13.99
C VAL B 40 12.19 -2.76 -14.86
N LYS B 41 13.47 -2.46 -15.08
CA LYS B 41 14.35 -3.35 -15.84
C LYS B 41 15.04 -4.37 -14.95
N ARG B 42 14.98 -5.64 -15.37
CA ARG B 42 15.66 -6.74 -14.66
C ARG B 42 17.13 -6.45 -14.46
N THR B 43 17.76 -5.88 -15.50
CA THR B 43 19.19 -5.59 -15.51
C THR B 43 19.60 -4.56 -14.46
N GLU B 44 18.66 -3.68 -14.10
CA GLU B 44 18.92 -2.61 -13.14
C GLU B 44 18.42 -2.94 -11.73
N ALA B 45 17.77 -4.09 -11.56
CA ALA B 45 17.07 -4.42 -10.33
C ALA B 45 17.21 -5.92 -10.01
N PRO B 46 18.37 -6.33 -9.49
CA PRO B 46 18.63 -7.73 -9.14
C PRO B 46 17.56 -8.33 -8.22
N GLY B 47 16.92 -9.40 -8.67
CA GLY B 47 15.94 -10.11 -7.85
C GLY B 47 14.56 -9.47 -7.79
N TYR B 48 14.36 -8.40 -8.56
CA TYR B 48 13.09 -7.67 -8.55
C TYR B 48 11.91 -8.53 -8.98
N TYR B 49 12.04 -9.19 -10.13
CA TYR B 49 10.94 -9.99 -10.67
C TYR B 49 10.73 -11.31 -9.95
N GLU B 50 11.66 -11.67 -9.08
CA GLU B 50 11.52 -12.84 -8.22
C GLU B 50 10.77 -12.52 -6.92
N VAL B 51 10.72 -11.25 -6.52
CA VAL B 51 10.00 -10.86 -5.31
C VAL B 51 8.74 -10.03 -5.61
N ILE B 52 8.77 -9.20 -6.64
CA ILE B 52 7.60 -8.43 -7.04
C ILE B 52 6.79 -9.19 -8.09
N ARG B 53 5.68 -9.78 -7.66
CA ARG B 53 4.90 -10.69 -8.50
C ARG B 53 4.05 -9.99 -9.53
N PHE B 54 3.60 -8.78 -9.23
CA PHE B 54 2.72 -8.04 -10.14
C PHE B 54 3.26 -6.62 -10.37
N PRO B 55 4.31 -6.51 -11.20
CA PRO B 55 4.88 -5.19 -11.48
C PRO B 55 3.89 -4.29 -12.21
N MET B 56 4.02 -2.99 -11.99
CA MET B 56 3.18 -2.01 -12.67
C MET B 56 3.95 -0.70 -12.84
N ASP B 57 3.57 0.05 -13.85
CA ASP B 57 4.20 1.32 -14.18
C ASP B 57 3.21 2.16 -14.95
N LEU B 58 3.55 3.44 -15.16
CA LEU B 58 2.60 4.41 -15.67
C LEU B 58 2.40 4.28 -17.18
N LYS B 59 3.42 3.78 -17.89
CA LYS B 59 3.26 3.48 -19.32
C LYS B 59 2.25 2.35 -19.53
N THR B 60 2.39 1.29 -18.75
CA THR B 60 1.47 0.15 -18.79
C THR B 60 0.07 0.60 -18.39
N MET B 61 -0.04 1.44 -17.35
CA MET B 61 -1.36 1.96 -16.97
C MET B 61 -2.01 2.78 -18.07
N SER B 62 -1.22 3.58 -18.77
CA SER B 62 -1.73 4.38 -19.89
C SER B 62 -2.28 3.49 -21.00
N GLU B 63 -1.58 2.39 -21.26
CA GLU B 63 -2.02 1.41 -22.27
C GLU B 63 -3.33 0.77 -21.83
N ARG B 64 -3.37 0.30 -20.59
CA ARG B 64 -4.58 -0.29 -20.04
C ARG B 64 -5.77 0.68 -20.11
N LEU B 65 -5.54 1.94 -19.78
CA LEU B 65 -6.60 2.96 -19.83
C LEU B 65 -7.13 3.11 -21.26
N LYS B 66 -6.20 3.30 -22.19
CA LYS B 66 -6.55 3.44 -23.61
C LYS B 66 -7.30 2.21 -24.14
N ASN B 67 -6.92 1.03 -23.64
CA ASN B 67 -7.54 -0.24 -24.02
C ASN B 67 -8.88 -0.53 -23.32
N ARG B 68 -9.35 0.43 -22.52
CA ARG B 68 -10.64 0.34 -21.83
C ARG B 68 -10.71 -0.80 -20.82
N TYR B 69 -9.56 -1.06 -20.20
CA TYR B 69 -9.45 -2.08 -19.16
C TYR B 69 -10.03 -1.57 -17.85
N TYR B 70 -9.90 -0.28 -17.57
CA TYR B 70 -10.32 0.29 -16.27
C TYR B 70 -11.82 0.59 -16.25
N VAL B 71 -12.62 -0.47 -16.24
CA VAL B 71 -14.08 -0.36 -16.21
C VAL B 71 -14.61 0.01 -14.81
N SER B 72 -13.75 -0.11 -13.80
CA SER B 72 -14.08 0.33 -12.46
C SER B 72 -12.94 1.15 -11.90
N LYS B 73 -13.30 2.07 -11.01
CA LYS B 73 -12.32 2.84 -10.26
C LYS B 73 -11.44 1.93 -9.39
N LYS B 74 -11.99 0.81 -8.93
CA LYS B 74 -11.24 -0.15 -8.11
C LYS B 74 -10.04 -0.72 -8.84
N LEU B 75 -10.24 -1.10 -10.10
CA LEU B 75 -9.14 -1.64 -10.92
C LEU B 75 -8.03 -0.61 -11.11
N PHE B 76 -8.42 0.64 -11.37
CA PHE B 76 -7.46 1.72 -11.57
C PHE B 76 -6.68 2.02 -10.29
N MET B 77 -7.40 2.15 -9.18
CA MET B 77 -6.75 2.43 -7.93
C MET B 77 -5.81 1.31 -7.49
N ALA B 78 -6.20 0.06 -7.76
CA ALA B 78 -5.36 -1.09 -7.42
C ALA B 78 -4.03 -1.09 -8.17
N ASP B 79 -4.07 -0.75 -9.46
CA ASP B 79 -2.85 -0.71 -10.25
C ASP B 79 -1.93 0.43 -9.79
N LEU B 80 -2.48 1.62 -9.61
CA LEU B 80 -1.67 2.77 -9.26
C LEU B 80 -1.08 2.61 -7.86
N GLN B 81 -1.89 2.12 -6.92
CA GLN B 81 -1.35 1.83 -5.58
C GLN B 81 -0.20 0.83 -5.63
N ARG B 82 -0.31 -0.17 -6.50
CA ARG B 82 0.71 -1.20 -6.65
C ARG B 82 2.03 -0.66 -7.20
N VAL B 83 1.98 0.36 -8.05
CA VAL B 83 3.20 1.07 -8.48
C VAL B 83 4.01 1.49 -7.25
N PHE B 84 3.33 2.11 -6.29
CA PHE B 84 4.00 2.61 -5.08
C PHE B 84 4.40 1.50 -4.10
N THR B 85 3.52 0.53 -3.86
CA THR B 85 3.83 -0.51 -2.88
C THR B 85 4.89 -1.48 -3.39
N ASN B 86 4.91 -1.77 -4.70
CA ASN B 86 6.01 -2.55 -5.29
C ASN B 86 7.34 -1.85 -5.06
N CYS B 87 7.35 -0.54 -5.31
CA CYS B 87 8.57 0.25 -5.17
C CYS B 87 9.06 0.24 -3.73
N LYS B 88 8.14 0.44 -2.80
CA LYS B 88 8.50 0.50 -1.39
C LYS B 88 8.91 -0.86 -0.82
N GLU B 89 8.37 -1.96 -1.36
CA GLU B 89 8.82 -3.28 -0.91
C GLU B 89 10.28 -3.52 -1.25
N TYR B 90 10.68 -3.15 -2.47
CA TYR B 90 11.97 -3.52 -3.01
C TYR B 90 13.10 -2.57 -2.61
N ASN B 91 12.82 -1.27 -2.58
CA ASN B 91 13.88 -0.26 -2.47
C ASN B 91 14.16 0.18 -1.04
N PRO B 92 15.41 0.61 -0.76
CA PRO B 92 15.75 1.09 0.58
C PRO B 92 14.82 2.23 1.02
N PRO B 93 14.49 2.28 2.32
CA PRO B 93 13.51 3.26 2.81
C PRO B 93 13.88 4.72 2.53
N GLU B 94 15.18 5.04 2.48
CA GLU B 94 15.62 6.41 2.23
C GLU B 94 16.14 6.60 0.81
N SER B 95 15.91 5.63 -0.07
CA SER B 95 16.30 5.77 -1.47
C SER B 95 15.43 6.79 -2.17
N GLU B 96 15.97 7.35 -3.25
CA GLU B 96 15.25 8.34 -4.04
C GLU B 96 13.94 7.78 -4.62
N TYR B 97 13.96 6.50 -5.02
CA TYR B 97 12.76 5.87 -5.54
C TYR B 97 11.69 5.81 -4.45
N TYR B 98 12.07 5.38 -3.25
CA TYR B 98 11.11 5.29 -2.13
C TYR B 98 10.51 6.67 -1.83
N LYS B 99 11.36 7.69 -1.72
CA LYS B 99 10.91 9.04 -1.46
C LYS B 99 9.91 9.49 -2.52
N CYS B 100 10.23 9.26 -3.80
CA CYS B 100 9.30 9.59 -4.88
C CYS B 100 7.98 8.86 -4.75
N ALA B 101 8.04 7.57 -4.39
CA ALA B 101 6.84 6.76 -4.25
C ALA B 101 5.88 7.36 -3.23
N ASN B 102 6.39 7.76 -2.09
CA ASN B 102 5.53 8.33 -1.06
C ASN B 102 5.01 9.71 -1.39
N ILE B 103 5.82 10.54 -2.06
CA ILE B 103 5.35 11.84 -2.53
C ILE B 103 4.23 11.65 -3.54
N LEU B 104 4.45 10.78 -4.51
CA LEU B 104 3.45 10.57 -5.56
C LEU B 104 2.21 9.87 -5.00
N GLU B 105 2.41 8.99 -4.03
CA GLU B 105 1.28 8.34 -3.37
C GLU B 105 0.40 9.36 -2.64
N LYS B 106 1.01 10.32 -1.95
CA LYS B 106 0.22 11.39 -1.32
C LYS B 106 -0.63 12.13 -2.37
N PHE B 107 0.01 12.45 -3.50
CA PHE B 107 -0.65 13.18 -4.58
C PHE B 107 -1.80 12.34 -5.14
N PHE B 108 -1.53 11.05 -5.34
CA PHE B 108 -2.54 10.06 -5.76
C PHE B 108 -3.76 10.09 -4.83
N PHE B 109 -3.55 9.93 -3.53
CA PHE B 109 -4.68 9.91 -2.60
C PHE B 109 -5.45 11.23 -2.61
N SER B 110 -4.74 12.35 -2.71
CA SER B 110 -5.41 13.65 -2.76
C SER B 110 -6.28 13.75 -4.00
N LYS B 111 -5.80 13.25 -5.13
CA LYS B 111 -6.54 13.34 -6.40
C LYS B 111 -7.78 12.43 -6.44
N ILE B 112 -7.69 11.21 -5.92
CA ILE B 112 -8.85 10.32 -5.88
C ILE B 112 -9.91 10.78 -4.87
N LYS B 113 -9.48 11.39 -3.76
CA LYS B 113 -10.41 12.01 -2.82
C LYS B 113 -11.09 13.21 -3.48
N GLU B 114 -10.28 14.10 -4.05
CA GLU B 114 -10.76 15.26 -4.79
C GLU B 114 -11.79 14.88 -5.85
N ALA B 115 -11.51 13.80 -6.59
CA ALA B 115 -12.39 13.34 -7.67
C ALA B 115 -13.64 12.57 -7.18
N GLY B 116 -13.66 12.20 -5.90
CA GLY B 116 -14.79 11.47 -5.33
C GLY B 116 -14.79 9.98 -5.60
N LEU B 117 -13.62 9.43 -5.94
CA LEU B 117 -13.50 7.99 -6.19
C LEU B 117 -13.43 7.16 -4.90
N ILE B 118 -13.13 7.81 -3.77
CA ILE B 118 -13.30 7.20 -2.45
C ILE B 118 -14.04 8.16 -1.51
N ASP B 119 -14.79 7.59 -0.56
CA ASP B 119 -15.65 8.38 0.34
C ASP B 119 -14.86 9.32 1.24
#